data_9F24
#
_entry.id   9F24
#
_cell.length_a   136.026
_cell.length_b   136.026
_cell.length_c   75.206
_cell.angle_alpha   90.00
_cell.angle_beta   90.00
_cell.angle_gamma   90.00
#
_symmetry.space_group_name_H-M   'I 4'
#
loop_
_entity.id
_entity.type
_entity.pdbx_description
1 polymer 'Green fluorescent protein'
2 polymer 'DARPin DP4'
3 water water
#
loop_
_entity_poly.entity_id
_entity_poly.type
_entity_poly.pdbx_seq_one_letter_code
_entity_poly.pdbx_strand_id
1 'polypeptide(L)'
;GSMVSKGEELFTGVVPILVELDGDVNGHKFSVSGEGEGDATYGKLTLKFICTTGKLPVPWPTLVTTL(CRO)VQCFSRYP
DHMKQHDFFKSAMPEGYVQERTIFFKDDGNYKTRAEVKFEGDTLVNRIELKGIDFKEDGNILGHKLEYNYNSHNVYIMAD
KQKNGIKVNFKIRHNIEDGSVQLADHYQQNTPIGDGPVLLPDNHYLSTQSALSKDPNEKRDHMVLLEFVTAAGITLGMDE
LYK
;
A
2 'polypeptide(L)'
;GSDLGKKLLEAARAGQGDEVRILMANGADVNAEDLHGSTPLHLAALIGHLEIVEVLLKYGADVNASDMWGNTPLHLAAWS
GHLEIVEVLLKNGADVNAQDKFGKTAFDISIDNGNEDLAEILQ
;
C
#
# COMPACT_ATOMS: atom_id res chain seq x y z
N VAL A 4 -9.45 15.85 -5.88
CA VAL A 4 -10.49 16.38 -6.82
C VAL A 4 -11.52 15.28 -7.13
N SER A 5 -11.95 14.54 -6.10
CA SER A 5 -13.03 13.56 -6.22
C SER A 5 -13.69 13.33 -4.85
N LYS A 6 -15.03 13.19 -4.88
CA LYS A 6 -15.82 12.89 -3.69
C LYS A 6 -15.37 11.55 -3.12
N GLY A 7 -14.94 10.64 -4.01
CA GLY A 7 -14.42 9.32 -3.64
C GLY A 7 -13.15 9.37 -2.77
N GLU A 8 -12.26 10.34 -2.96
CA GLU A 8 -11.05 10.35 -2.19
C GLU A 8 -11.37 10.61 -0.72
N GLU A 9 -12.50 11.27 -0.42
CA GLU A 9 -12.90 11.56 0.97
C GLU A 9 -13.15 10.28 1.78
N LEU A 10 -13.42 9.16 1.10
CA LEU A 10 -13.69 7.93 1.83
C LEU A 10 -12.40 7.27 2.34
N PHE A 11 -11.23 7.82 1.97
CA PHE A 11 -9.96 7.19 2.26
C PHE A 11 -9.05 8.04 3.15
N THR A 12 -9.60 9.04 3.85
CA THR A 12 -8.78 9.93 4.66
C THR A 12 -8.33 9.23 5.95
N GLY A 13 -9.12 8.24 6.40
CA GLY A 13 -8.86 7.49 7.61
C GLY A 13 -8.38 6.08 7.26
N VAL A 14 -8.25 5.27 8.29
CA VAL A 14 -7.94 3.86 8.13
C VAL A 14 -9.23 3.14 7.73
N VAL A 15 -9.18 2.30 6.70
CA VAL A 15 -10.39 1.66 6.17
C VAL A 15 -10.29 0.14 6.27
N PRO A 16 -11.33 -0.56 6.81
CA PRO A 16 -11.37 -2.02 6.83
C PRO A 16 -11.51 -2.59 5.41
N ILE A 17 -10.83 -3.72 5.17
CA ILE A 17 -10.75 -4.40 3.89
C ILE A 17 -11.20 -5.85 4.08
N LEU A 18 -11.94 -6.37 3.10
CA LEU A 18 -12.33 -7.78 2.96
C LEU A 18 -11.96 -8.20 1.56
N VAL A 19 -11.34 -9.38 1.45
CA VAL A 19 -11.01 -9.93 0.15
C VAL A 19 -11.57 -11.34 0.06
N GLU A 20 -12.21 -11.69 -1.08
CA GLU A 20 -12.68 -13.03 -1.33
C GLU A 20 -12.25 -13.45 -2.74
N LEU A 21 -11.67 -14.65 -2.86
CA LEU A 21 -11.18 -15.17 -4.13
C LEU A 21 -11.66 -16.60 -4.29
N ASP A 22 -12.25 -16.84 -5.45
CA ASP A 22 -12.56 -18.17 -5.93
C ASP A 22 -11.64 -18.46 -7.11
N GLY A 23 -10.90 -19.57 -7.00
CA GLY A 23 -9.82 -19.91 -7.92
C GLY A 23 -9.99 -21.32 -8.51
N ASP A 24 -9.44 -21.51 -9.71
CA ASP A 24 -9.33 -22.79 -10.36
C ASP A 24 -8.07 -22.78 -11.22
N VAL A 25 -7.04 -23.52 -10.81
CA VAL A 25 -5.81 -23.56 -11.56
C VAL A 25 -5.60 -24.98 -12.05
N ASN A 26 -5.63 -25.20 -13.37
CA ASN A 26 -5.48 -26.52 -13.96
C ASN A 26 -6.49 -27.50 -13.39
N GLY A 27 -7.67 -27.01 -12.99
CA GLY A 27 -8.70 -27.88 -12.45
C GLY A 27 -8.68 -27.94 -10.91
N HIS A 28 -7.63 -27.45 -10.23
CA HIS A 28 -7.60 -27.50 -8.78
C HIS A 28 -8.37 -26.28 -8.23
N LYS A 29 -9.48 -26.55 -7.56
CA LYS A 29 -10.35 -25.50 -7.10
C LYS A 29 -9.91 -25.09 -5.71
N PHE A 30 -9.94 -23.79 -5.42
CA PHE A 30 -9.57 -23.31 -4.09
C PHE A 30 -10.20 -21.94 -3.82
N SER A 31 -10.26 -21.57 -2.53
CA SER A 31 -10.84 -20.31 -2.13
C SER A 31 -9.89 -19.66 -1.13
N VAL A 32 -9.84 -18.31 -1.15
CA VAL A 32 -9.07 -17.53 -0.22
C VAL A 32 -9.95 -16.40 0.32
N SER A 33 -9.84 -16.19 1.63
CA SER A 33 -10.45 -15.08 2.36
C SER A 33 -9.34 -14.23 2.92
N GLY A 34 -9.58 -12.92 2.95
CA GLY A 34 -8.59 -12.01 3.50
C GLY A 34 -9.26 -10.89 4.25
N GLU A 35 -8.60 -10.40 5.29
CA GLU A 35 -9.10 -9.24 5.98
C GLU A 35 -7.93 -8.42 6.51
N GLY A 36 -8.24 -7.17 6.80
CA GLY A 36 -7.31 -6.23 7.41
C GLY A 36 -7.75 -4.79 7.15
N GLU A 37 -6.77 -3.92 6.83
CA GLU A 37 -6.97 -2.48 6.86
C GLU A 37 -6.05 -1.83 5.86
N GLY A 38 -6.47 -0.68 5.36
CA GLY A 38 -5.62 0.13 4.50
C GLY A 38 -5.58 1.59 4.94
N ASP A 39 -4.44 2.24 4.69
CA ASP A 39 -4.26 3.64 5.02
C ASP A 39 -3.73 4.34 3.78
N ALA A 40 -4.64 4.90 2.99
CA ALA A 40 -4.25 5.40 1.69
C ALA A 40 -3.43 6.70 1.80
N THR A 41 -3.49 7.41 2.92
CA THR A 41 -2.67 8.60 3.07
C THR A 41 -1.22 8.14 3.18
N TYR A 42 -0.98 7.00 3.85
CA TYR A 42 0.35 6.46 4.06
C TYR A 42 0.75 5.56 2.89
N GLY A 43 -0.24 5.05 2.17
CA GLY A 43 -0.04 4.06 1.13
C GLY A 43 0.12 2.63 1.66
N LYS A 44 -0.44 2.31 2.84
CA LYS A 44 -0.16 1.07 3.55
C LYS A 44 -1.35 0.10 3.49
N LEU A 45 -1.03 -1.20 3.37
CA LEU A 45 -1.94 -2.33 3.61
C LEU A 45 -1.34 -3.21 4.68
N THR A 46 -2.20 -3.72 5.56
CA THR A 46 -1.87 -4.76 6.50
C THR A 46 -3.01 -5.78 6.39
N LEU A 47 -2.70 -6.96 5.84
CA LEU A 47 -3.72 -7.97 5.51
C LEU A 47 -3.25 -9.37 5.90
N LYS A 48 -4.22 -10.21 6.27
CA LYS A 48 -3.97 -11.63 6.39
C LYS A 48 -4.99 -12.43 5.57
N PHE A 49 -4.50 -13.39 4.80
CA PHE A 49 -5.26 -14.25 3.88
C PHE A 49 -5.16 -15.70 4.34
N ILE A 50 -6.28 -16.43 4.21
CA ILE A 50 -6.44 -17.83 4.60
C ILE A 50 -6.88 -18.58 3.35
N CYS A 51 -6.33 -19.76 3.09
CA CYS A 51 -6.93 -20.67 2.15
C CYS A 51 -8.04 -21.44 2.87
N THR A 52 -9.30 -21.25 2.46
CA THR A 52 -10.42 -21.83 3.21
C THR A 52 -10.69 -23.26 2.75
N THR A 53 -10.05 -23.71 1.67
CA THR A 53 -10.34 -25.03 1.11
C THR A 53 -9.22 -26.03 1.46
N GLY A 54 -8.25 -25.63 2.29
CA GLY A 54 -7.16 -26.53 2.65
C GLY A 54 -5.81 -25.94 2.29
N LYS A 55 -5.02 -26.71 1.54
CA LYS A 55 -3.72 -26.28 1.08
C LYS A 55 -3.89 -25.48 -0.22
N LEU A 56 -3.28 -24.30 -0.26
CA LEU A 56 -3.20 -23.54 -1.50
C LEU A 56 -2.38 -24.32 -2.52
N PRO A 57 -2.96 -24.63 -3.71
CA PRO A 57 -2.29 -25.45 -4.72
C PRO A 57 -1.36 -24.64 -5.62
N VAL A 58 -1.28 -23.31 -5.42
CA VAL A 58 -0.23 -22.49 -6.03
C VAL A 58 0.52 -21.72 -4.94
N PRO A 59 1.71 -21.15 -5.22
CA PRO A 59 2.47 -20.41 -4.20
C PRO A 59 1.79 -19.09 -3.88
N TRP A 60 1.71 -18.80 -2.57
CA TRP A 60 1.12 -17.56 -2.09
C TRP A 60 1.61 -16.34 -2.89
N PRO A 61 2.91 -16.19 -3.18
CA PRO A 61 3.35 -15.02 -3.95
C PRO A 61 2.70 -14.81 -5.32
N THR A 62 2.23 -15.89 -5.98
CA THR A 62 1.62 -15.75 -7.29
C THR A 62 0.29 -15.03 -7.19
N LEU A 63 -0.27 -15.01 -5.98
CA LEU A 63 -1.60 -14.42 -5.81
C LEU A 63 -1.55 -12.97 -5.31
N VAL A 64 -0.38 -12.46 -4.93
CA VAL A 64 -0.35 -11.15 -4.29
C VAL A 64 -1.07 -10.11 -5.15
N THR A 65 -0.73 -10.03 -6.45
CA THR A 65 -1.27 -8.94 -7.27
C THR A 65 -2.77 -9.01 -7.42
N THR A 66 -3.30 -10.25 -7.44
CA THR A 66 -4.73 -10.43 -7.57
C THR A 66 -5.46 -10.02 -6.29
N LEU A 67 -4.89 -10.37 -5.13
CA LEU A 67 -5.52 -10.13 -3.84
C LEU A 67 -5.39 -8.66 -3.45
N1 CRO A 68 -4.13 -7.97 -3.89
CA1 CRO A 68 -4.01 -6.54 -3.56
CB1 CRO A 68 -3.06 -6.31 -2.36
CG1 CRO A 68 -3.62 -7.00 -1.15
OG1 CRO A 68 -1.76 -6.84 -2.65
C1 CRO A 68 -3.54 -5.88 -4.82
N2 CRO A 68 -2.24 -5.75 -5.14
N3 CRO A 68 -4.35 -5.59 -5.88
C2 CRO A 68 -3.57 -5.14 -6.93
O2 CRO A 68 -4.01 -4.82 -8.03
CA2 CRO A 68 -2.19 -5.26 -6.45
CA3 CRO A 68 -5.77 -5.92 -5.99
C3 CRO A 68 -6.73 -4.91 -5.39
O3 CRO A 68 -7.76 -4.52 -5.96
CB2 CRO A 68 -1.12 -4.92 -7.17
CG2 CRO A 68 0.31 -5.00 -6.89
CD1 CRO A 68 0.85 -5.42 -5.66
CD2 CRO A 68 1.19 -4.75 -7.94
CE1 CRO A 68 2.23 -5.56 -5.51
CE2 CRO A 68 2.56 -4.87 -7.77
CZ CRO A 68 3.09 -5.22 -6.54
OH CRO A 68 4.45 -5.33 -6.46
N VAL A 69 -6.11 -3.84 -4.43
CA VAL A 69 -6.93 -2.73 -3.89
C VAL A 69 -6.07 -1.46 -4.03
N GLN A 70 -5.82 -1.15 -5.30
CA GLN A 70 -4.94 -0.07 -5.70
C GLN A 70 -5.46 1.32 -5.33
N CYS A 71 -6.75 1.38 -4.90
CA CYS A 71 -7.31 2.56 -4.28
C CYS A 71 -6.60 2.91 -2.97
N PHE A 72 -5.76 2.01 -2.44
CA PHE A 72 -4.97 2.35 -1.26
C PHE A 72 -3.59 2.92 -1.60
N SER A 73 -3.26 3.13 -2.89
CA SER A 73 -2.00 3.75 -3.24
C SER A 73 -1.96 5.18 -2.69
N ARG A 74 -0.81 5.65 -2.17
N ARG A 74 -0.76 5.65 -2.34
CA ARG A 74 -0.70 7.07 -1.82
CA ARG A 74 -0.57 7.01 -1.84
C ARG A 74 -0.49 7.87 -3.10
C ARG A 74 -0.39 7.97 -3.03
N TYR A 75 -1.43 8.77 -3.36
CA TYR A 75 -1.30 9.75 -4.42
C TYR A 75 -0.89 11.04 -3.73
N PRO A 76 0.26 11.66 -4.04
CA PRO A 76 0.56 12.98 -3.49
C PRO A 76 -0.43 14.06 -3.93
N ASP A 77 -0.41 15.20 -3.26
CA ASP A 77 -1.35 16.28 -3.51
C ASP A 77 -1.28 16.71 -4.97
N HIS A 78 -0.06 16.86 -5.53
CA HIS A 78 0.07 17.41 -6.86
C HIS A 78 -0.55 16.45 -7.89
N MET A 79 -0.83 15.22 -7.49
CA MET A 79 -1.26 14.19 -8.41
C MET A 79 -2.68 13.68 -8.12
N LYS A 80 -3.48 14.40 -7.33
CA LYS A 80 -4.75 13.85 -6.88
C LYS A 80 -5.73 13.69 -8.04
N GLN A 81 -5.44 14.43 -9.12
CA GLN A 81 -6.22 14.45 -10.34
C GLN A 81 -5.97 13.17 -11.13
N HIS A 82 -5.01 12.35 -10.79
CA HIS A 82 -4.68 11.22 -11.65
C HIS A 82 -5.06 9.92 -10.99
N ASP A 83 -5.87 10.02 -9.93
CA ASP A 83 -6.17 8.91 -9.06
C ASP A 83 -7.54 8.30 -9.48
N PHE A 84 -7.48 7.48 -10.52
CA PHE A 84 -8.69 6.84 -11.04
C PHE A 84 -9.43 6.05 -9.95
N PHE A 85 -8.63 5.26 -9.23
CA PHE A 85 -9.10 4.20 -8.33
C PHE A 85 -10.09 4.72 -7.29
N LYS A 86 -9.70 5.82 -6.62
CA LYS A 86 -10.53 6.39 -5.59
C LYS A 86 -11.71 7.12 -6.20
N SER A 87 -11.51 7.70 -7.38
CA SER A 87 -12.58 8.51 -7.95
C SER A 87 -13.81 7.64 -8.28
N ALA A 88 -13.60 6.35 -8.52
CA ALA A 88 -14.69 5.44 -8.91
C ALA A 88 -15.51 5.00 -7.70
N MET A 89 -15.06 5.36 -6.50
CA MET A 89 -15.69 4.92 -5.28
C MET A 89 -16.78 5.91 -4.91
N PRO A 90 -17.84 5.53 -4.18
CA PRO A 90 -17.97 4.18 -3.61
C PRO A 90 -18.53 3.05 -4.47
N GLU A 91 -19.12 3.32 -5.64
CA GLU A 91 -19.73 2.30 -6.49
C GLU A 91 -18.67 1.32 -7.02
N GLY A 92 -17.45 1.82 -7.27
CA GLY A 92 -16.32 0.93 -7.48
C GLY A 92 -15.97 0.67 -8.95
N TYR A 93 -15.06 -0.29 -9.17
CA TYR A 93 -14.59 -0.64 -10.50
C TYR A 93 -14.42 -2.16 -10.65
N VAL A 94 -14.39 -2.59 -11.92
CA VAL A 94 -14.07 -3.95 -12.31
C VAL A 94 -12.60 -4.01 -12.70
N GLN A 95 -11.83 -4.94 -12.12
CA GLN A 95 -10.40 -5.05 -12.41
C GLN A 95 -10.20 -6.42 -13.03
N GLU A 96 -9.71 -6.43 -14.27
CA GLU A 96 -9.40 -7.63 -15.02
C GLU A 96 -7.91 -7.65 -15.39
N ARG A 97 -7.40 -8.88 -15.40
CA ARG A 97 -6.02 -9.11 -15.74
C ARG A 97 -5.88 -10.42 -16.49
N THR A 98 -4.88 -10.45 -17.36
CA THR A 98 -4.19 -11.67 -17.73
C THR A 98 -2.76 -11.60 -17.21
N ILE A 99 -2.31 -12.71 -16.63
CA ILE A 99 -0.98 -12.81 -16.08
C ILE A 99 -0.26 -13.98 -16.71
N PHE A 100 0.78 -13.66 -17.48
CA PHE A 100 1.53 -14.70 -18.14
C PHE A 100 2.78 -15.03 -17.32
N PHE A 101 2.84 -16.25 -16.78
CA PHE A 101 4.04 -16.77 -16.17
C PHE A 101 4.94 -17.29 -17.27
N LYS A 102 6.06 -16.60 -17.50
CA LYS A 102 6.92 -16.95 -18.64
C LYS A 102 7.35 -18.41 -18.55
N ASP A 103 7.24 -19.11 -19.70
CA ASP A 103 7.54 -20.54 -19.85
C ASP A 103 6.58 -21.41 -19.04
N ASP A 104 5.39 -20.89 -18.72
CA ASP A 104 4.46 -21.61 -17.90
C ASP A 104 3.07 -21.07 -18.21
N GLY A 105 2.10 -21.39 -17.36
CA GLY A 105 0.72 -21.04 -17.64
C GLY A 105 0.39 -19.58 -17.35
N ASN A 106 -0.93 -19.31 -17.37
CA ASN A 106 -1.46 -17.98 -17.14
C ASN A 106 -2.67 -18.00 -16.23
N TYR A 107 -2.84 -16.87 -15.56
CA TYR A 107 -4.02 -16.54 -14.78
C TYR A 107 -4.83 -15.49 -15.56
N LYS A 108 -6.16 -15.70 -15.59
CA LYS A 108 -7.12 -14.65 -15.94
C LYS A 108 -7.94 -14.31 -14.69
N THR A 109 -8.09 -13.01 -14.37
CA THR A 109 -8.76 -12.61 -13.15
C THR A 109 -9.80 -11.54 -13.45
N ARG A 110 -10.89 -11.57 -12.69
CA ARG A 110 -11.92 -10.55 -12.77
C ARG A 110 -12.32 -10.28 -11.33
N ALA A 111 -12.19 -9.00 -10.95
CA ALA A 111 -12.45 -8.57 -9.61
C ALA A 111 -13.36 -7.35 -9.61
N GLU A 112 -14.22 -7.29 -8.60
CA GLU A 112 -15.00 -6.10 -8.31
C GLU A 112 -14.50 -5.55 -7.00
N VAL A 113 -14.10 -4.30 -7.06
CA VAL A 113 -13.58 -3.60 -5.91
C VAL A 113 -14.54 -2.46 -5.62
N LYS A 114 -15.17 -2.47 -4.45
CA LYS A 114 -16.14 -1.42 -4.12
C LYS A 114 -16.39 -1.40 -2.61
N PHE A 115 -17.07 -0.36 -2.14
CA PHE A 115 -17.48 -0.28 -0.75
C PHE A 115 -18.76 -1.07 -0.54
N GLU A 116 -18.81 -1.84 0.55
CA GLU A 116 -20.04 -2.37 1.10
C GLU A 116 -20.15 -1.85 2.53
N GLY A 117 -21.15 -0.99 2.79
CA GLY A 117 -21.06 -0.13 3.95
C GLY A 117 -19.67 0.54 4.04
N ASP A 118 -19.03 0.41 5.21
CA ASP A 118 -17.78 1.12 5.48
C ASP A 118 -16.56 0.29 5.12
N THR A 119 -16.76 -0.90 4.54
CA THR A 119 -15.66 -1.81 4.22
C THR A 119 -15.36 -1.78 2.73
N LEU A 120 -14.06 -1.78 2.39
CA LEU A 120 -13.66 -1.87 1.01
C LEU A 120 -13.46 -3.35 0.67
N VAL A 121 -14.16 -3.85 -0.38
CA VAL A 121 -14.25 -5.28 -0.68
C VAL A 121 -13.71 -5.55 -2.08
N ASN A 122 -12.80 -6.52 -2.15
CA ASN A 122 -12.29 -7.02 -3.40
C ASN A 122 -12.77 -8.47 -3.57
N ARG A 123 -13.67 -8.69 -4.52
CA ARG A 123 -14.09 -10.06 -4.83
C ARG A 123 -13.61 -10.50 -6.19
N ILE A 124 -12.98 -11.67 -6.23
CA ILE A 124 -12.20 -12.09 -7.38
C ILE A 124 -12.60 -13.49 -7.79
N GLU A 125 -12.58 -13.71 -9.11
CA GLU A 125 -12.58 -15.00 -9.74
C GLU A 125 -11.26 -15.21 -10.49
N LEU A 126 -10.63 -16.38 -10.31
CA LEU A 126 -9.36 -16.63 -10.97
C LEU A 126 -9.38 -17.99 -11.63
N LYS A 127 -8.95 -17.98 -12.88
CA LYS A 127 -8.85 -19.17 -13.71
C LYS A 127 -7.42 -19.22 -14.24
N GLY A 128 -6.74 -20.31 -13.94
CA GLY A 128 -5.42 -20.60 -14.42
C GLY A 128 -5.38 -21.88 -15.25
N ILE A 129 -4.70 -21.80 -16.39
CA ILE A 129 -4.61 -22.91 -17.31
C ILE A 129 -3.17 -23.03 -17.78
N ASP A 130 -2.85 -24.25 -18.24
CA ASP A 130 -1.67 -24.61 -19.00
C ASP A 130 -0.43 -24.56 -18.14
N PHE A 131 -0.56 -24.76 -16.83
CA PHE A 131 0.61 -24.80 -15.96
C PHE A 131 1.32 -26.14 -16.11
N LYS A 132 2.65 -26.12 -16.01
CA LYS A 132 3.45 -27.34 -16.03
C LYS A 132 3.36 -27.99 -14.65
N GLU A 133 3.13 -29.30 -14.63
CA GLU A 133 2.92 -30.03 -13.39
C GLU A 133 4.11 -29.88 -12.45
N ASP A 134 5.31 -29.81 -13.03
CA ASP A 134 6.48 -29.55 -12.21
C ASP A 134 7.22 -28.27 -12.63
N GLY A 135 6.49 -27.24 -13.07
CA GLY A 135 7.07 -25.91 -13.21
C GLY A 135 7.20 -25.22 -11.85
N ASN A 136 7.56 -23.94 -11.86
CA ASN A 136 7.84 -23.26 -10.61
C ASN A 136 6.56 -23.04 -9.81
N ILE A 137 5.40 -23.07 -10.48
CA ILE A 137 4.15 -22.69 -9.85
C ILE A 137 3.55 -23.94 -9.21
N LEU A 138 3.16 -24.95 -10.00
CA LEU A 138 2.54 -26.14 -9.43
C LEU A 138 3.56 -26.96 -8.63
N GLY A 139 4.85 -26.80 -8.96
CA GLY A 139 5.95 -27.40 -8.20
C GLY A 139 6.30 -26.66 -6.90
N HIS A 140 5.69 -25.48 -6.63
CA HIS A 140 5.97 -24.74 -5.39
C HIS A 140 7.48 -24.50 -5.25
N LYS A 141 8.07 -23.80 -6.22
CA LYS A 141 9.49 -23.52 -6.24
C LYS A 141 9.79 -22.03 -6.03
N LEU A 142 8.77 -21.22 -5.70
CA LEU A 142 8.98 -19.80 -5.50
C LEU A 142 9.37 -19.62 -4.04
N GLU A 143 10.36 -18.76 -3.81
CA GLU A 143 10.66 -18.31 -2.44
C GLU A 143 9.47 -17.56 -1.90
N TYR A 144 9.28 -17.65 -0.59
CA TYR A 144 8.25 -16.93 0.13
C TYR A 144 8.76 -15.52 0.42
N ASN A 145 8.76 -14.69 -0.62
CA ASN A 145 9.15 -13.30 -0.47
C ASN A 145 8.59 -12.57 -1.68
N TYR A 146 8.93 -11.28 -1.78
CA TYR A 146 8.36 -10.45 -2.82
C TYR A 146 9.30 -9.30 -3.15
N ASN A 147 9.24 -8.82 -4.38
CA ASN A 147 10.08 -7.74 -4.89
C ASN A 147 9.27 -6.45 -4.97
N SER A 148 10.00 -5.39 -5.32
CA SER A 148 9.47 -4.06 -5.61
C SER A 148 9.31 -3.87 -7.12
N HIS A 149 8.22 -3.20 -7.51
CA HIS A 149 7.93 -3.08 -8.93
C HIS A 149 7.41 -1.69 -9.25
N ASN A 150 7.41 -1.38 -10.55
CA ASN A 150 6.75 -0.19 -11.06
C ASN A 150 5.55 -0.64 -11.89
N VAL A 151 4.39 -0.06 -11.56
CA VAL A 151 3.11 -0.33 -12.16
C VAL A 151 2.74 0.87 -13.04
N TYR A 152 2.74 0.68 -14.37
CA TYR A 152 2.50 1.74 -15.34
C TYR A 152 1.02 1.88 -15.67
N ILE A 153 0.50 3.11 -15.57
CA ILE A 153 -0.93 3.39 -15.70
C ILE A 153 -1.13 4.43 -16.81
N MET A 154 -2.06 4.14 -17.75
CA MET A 154 -2.56 5.13 -18.69
C MET A 154 -4.08 5.15 -18.72
N ALA A 155 -4.60 6.28 -19.20
CA ALA A 155 -6.03 6.48 -19.31
C ALA A 155 -6.51 5.63 -20.49
N ASP A 156 -7.80 5.26 -20.44
CA ASP A 156 -8.48 4.73 -21.62
C ASP A 156 -9.81 5.47 -21.79
N LYS A 157 -9.75 6.56 -22.56
CA LYS A 157 -10.87 7.48 -22.70
C LYS A 157 -12.09 6.66 -23.10
N GLN A 158 -11.82 5.68 -23.98
CA GLN A 158 -12.86 4.88 -24.62
C GLN A 158 -13.73 4.17 -23.58
N LYS A 159 -13.13 3.55 -22.56
CA LYS A 159 -13.87 2.69 -21.64
C LYS A 159 -14.13 3.42 -20.33
N ASN A 160 -13.85 4.73 -20.36
CA ASN A 160 -13.98 5.57 -19.19
C ASN A 160 -13.19 4.97 -18.02
N GLY A 161 -12.02 4.37 -18.32
CA GLY A 161 -11.14 3.85 -17.28
C GLY A 161 -9.65 3.98 -17.59
N ILE A 162 -8.89 2.94 -17.17
CA ILE A 162 -7.43 2.85 -17.28
C ILE A 162 -6.99 1.49 -17.79
N LYS A 163 -5.79 1.49 -18.33
CA LYS A 163 -5.05 0.31 -18.71
C LYS A 163 -3.72 0.40 -18.00
N VAL A 164 -3.18 -0.78 -17.65
CA VAL A 164 -2.12 -0.93 -16.68
C VAL A 164 -1.30 -2.15 -17.11
N ASN A 165 0.02 -2.04 -17.01
CA ASN A 165 0.89 -3.16 -17.30
C ASN A 165 2.18 -2.99 -16.48
N PHE A 166 2.79 -4.13 -16.17
CA PHE A 166 4.00 -4.23 -15.35
C PHE A 166 4.44 -5.68 -15.40
N LYS A 167 5.64 -5.95 -14.92
CA LYS A 167 6.19 -7.30 -14.84
C LYS A 167 6.59 -7.64 -13.43
N ILE A 168 5.98 -8.67 -12.86
CA ILE A 168 6.38 -9.11 -11.52
C ILE A 168 7.59 -10.02 -11.61
N ARG A 169 8.48 -9.90 -10.62
CA ARG A 169 9.65 -10.72 -10.50
C ARG A 169 9.51 -11.61 -9.27
N HIS A 170 9.47 -12.92 -9.47
CA HIS A 170 9.33 -13.86 -8.38
C HIS A 170 10.63 -14.64 -8.19
N ASN A 171 11.25 -14.52 -7.00
CA ASN A 171 12.49 -15.25 -6.75
C ASN A 171 12.21 -16.76 -6.73
N ILE A 172 13.05 -17.49 -7.45
CA ILE A 172 13.03 -18.94 -7.44
C ILE A 172 14.13 -19.39 -6.48
N GLU A 173 13.86 -20.52 -5.85
CA GLU A 173 14.70 -21.05 -4.79
C GLU A 173 16.06 -21.53 -5.30
N ASP A 174 16.28 -21.58 -6.62
CA ASP A 174 17.58 -21.96 -7.16
C ASP A 174 18.40 -20.71 -7.49
N GLY A 175 17.87 -19.51 -7.24
CA GLY A 175 18.61 -18.28 -7.49
C GLY A 175 18.13 -17.57 -8.76
N SER A 176 17.30 -18.25 -9.57
CA SER A 176 16.76 -17.62 -10.76
C SER A 176 15.51 -16.81 -10.39
N VAL A 177 14.99 -16.04 -11.35
CA VAL A 177 13.80 -15.24 -11.20
C VAL A 177 12.79 -15.70 -12.26
N GLN A 178 11.51 -15.81 -11.87
CA GLN A 178 10.41 -16.16 -12.74
C GLN A 178 9.63 -14.88 -12.98
N LEU A 179 9.51 -14.48 -14.25
CA LEU A 179 8.75 -13.29 -14.58
C LEU A 179 7.28 -13.65 -14.77
N ALA A 180 6.43 -12.69 -14.37
CA ALA A 180 5.01 -12.71 -14.61
C ALA A 180 4.58 -11.38 -15.22
N ASP A 181 4.34 -11.37 -16.54
CA ASP A 181 3.80 -10.23 -17.24
C ASP A 181 2.33 -10.00 -16.90
N HIS A 182 2.00 -8.74 -16.56
CA HIS A 182 0.71 -8.39 -16.03
C HIS A 182 0.07 -7.39 -16.98
N TYR A 183 -1.08 -7.75 -17.56
CA TYR A 183 -1.86 -6.81 -18.34
C TYR A 183 -3.21 -6.63 -17.65
N GLN A 184 -3.64 -5.36 -17.59
CA GLN A 184 -4.69 -5.01 -16.66
C GLN A 184 -5.58 -3.92 -17.27
N GLN A 185 -6.85 -4.00 -16.90
CA GLN A 185 -7.83 -3.01 -17.31
C GLN A 185 -8.75 -2.73 -16.11
N ASN A 186 -9.23 -1.50 -16.01
CA ASN A 186 -10.17 -1.17 -14.96
C ASN A 186 -11.26 -0.29 -15.55
N THR A 187 -12.48 -0.61 -15.20
CA THR A 187 -13.65 0.07 -15.68
C THR A 187 -14.53 0.40 -14.50
N PRO A 188 -15.13 1.59 -14.42
CA PRO A 188 -16.04 1.90 -13.32
C PRO A 188 -17.33 1.10 -13.42
N ILE A 189 -17.90 0.81 -12.25
CA ILE A 189 -19.17 0.14 -12.15
C ILE A 189 -20.27 1.19 -12.23
N GLY A 190 -20.14 2.31 -11.50
CA GLY A 190 -21.12 3.37 -11.50
C GLY A 190 -21.19 4.13 -12.82
N ASP A 191 -22.21 4.99 -12.92
CA ASP A 191 -22.38 5.94 -14.01
C ASP A 191 -21.77 7.29 -13.67
N GLY A 192 -21.32 7.46 -12.42
CA GLY A 192 -20.78 8.73 -11.96
C GLY A 192 -19.52 9.11 -12.72
N PRO A 193 -19.11 10.41 -12.76
CA PRO A 193 -17.89 10.79 -13.46
C PRO A 193 -16.68 10.25 -12.69
N VAL A 194 -15.58 9.95 -13.40
CA VAL A 194 -14.32 9.49 -12.82
C VAL A 194 -13.14 10.34 -13.30
N LEU A 195 -11.96 10.18 -12.69
CA LEU A 195 -10.74 10.85 -13.15
C LEU A 195 -9.98 9.95 -14.12
N LEU A 196 -9.66 10.45 -15.31
CA LEU A 196 -8.91 9.67 -16.28
C LEU A 196 -7.49 10.23 -16.29
N PRO A 197 -6.46 9.43 -15.93
CA PRO A 197 -5.15 10.00 -15.62
C PRO A 197 -4.24 10.30 -16.81
N ASP A 198 -3.35 11.28 -16.59
CA ASP A 198 -2.11 11.34 -17.34
C ASP A 198 -1.33 10.07 -17.03
N ASN A 199 -0.42 9.70 -17.93
CA ASN A 199 0.39 8.51 -17.72
C ASN A 199 1.23 8.67 -16.46
N HIS A 200 1.28 7.67 -15.60
CA HIS A 200 2.14 7.74 -14.42
C HIS A 200 2.40 6.32 -13.96
N TYR A 201 3.00 6.17 -12.78
CA TYR A 201 3.23 4.83 -12.28
C TYR A 201 3.09 4.77 -10.75
N LEU A 202 2.89 3.53 -10.27
CA LEU A 202 2.93 3.24 -8.85
C LEU A 202 4.19 2.46 -8.57
N SER A 203 4.88 2.90 -7.52
CA SER A 203 6.05 2.21 -7.01
C SER A 203 5.66 1.38 -5.78
N THR A 204 5.89 0.06 -5.84
CA THR A 204 5.32 -0.88 -4.87
C THR A 204 6.43 -1.52 -4.06
N GLN A 205 6.11 -1.87 -2.81
CA GLN A 205 6.98 -2.64 -1.94
C GLN A 205 6.10 -3.52 -1.06
N SER A 206 6.52 -4.76 -0.77
CA SER A 206 5.69 -5.74 -0.08
C SER A 206 6.58 -6.59 0.81
N ALA A 207 6.04 -7.13 1.91
CA ALA A 207 6.75 -8.14 2.68
C ALA A 207 5.74 -9.22 3.06
N LEU A 208 6.15 -10.49 3.00
CA LEU A 208 5.25 -11.60 3.31
C LEU A 208 5.71 -12.21 4.60
N SER A 209 4.80 -12.59 5.50
CA SER A 209 5.18 -13.26 6.73
C SER A 209 4.12 -14.30 7.12
N LYS A 210 4.31 -14.95 8.26
CA LYS A 210 3.43 -15.95 8.81
C LYS A 210 2.97 -15.49 10.17
N ASP A 211 1.71 -15.72 10.52
CA ASP A 211 1.24 -15.49 11.86
C ASP A 211 1.50 -16.77 12.66
N PRO A 212 2.27 -16.69 13.76
CA PRO A 212 2.61 -17.89 14.51
C PRO A 212 1.41 -18.56 15.18
N ASN A 213 0.32 -17.84 15.41
CA ASN A 213 -0.86 -18.47 15.98
C ASN A 213 -1.81 -19.01 14.92
N GLU A 214 -1.52 -18.82 13.63
CA GLU A 214 -2.46 -19.20 12.59
C GLU A 214 -2.15 -20.63 12.15
N LYS A 215 -3.15 -21.52 12.25
CA LYS A 215 -2.99 -22.93 11.97
C LYS A 215 -3.34 -23.29 10.54
N ARG A 216 -4.02 -22.41 9.81
CA ARG A 216 -4.34 -22.67 8.41
C ARG A 216 -3.21 -22.22 7.50
N ASP A 217 -3.25 -22.73 6.26
CA ASP A 217 -2.42 -22.22 5.19
C ASP A 217 -2.79 -20.75 4.98
N HIS A 218 -1.79 -19.87 5.06
CA HIS A 218 -2.08 -18.45 5.14
C HIS A 218 -0.89 -17.58 4.73
N MET A 219 -1.17 -16.30 4.55
CA MET A 219 -0.15 -15.31 4.22
C MET A 219 -0.50 -13.98 4.91
N VAL A 220 0.48 -13.44 5.64
CA VAL A 220 0.44 -12.06 6.14
C VAL A 220 1.21 -11.19 5.16
N LEU A 221 0.53 -10.13 4.69
CA LEU A 221 1.05 -9.22 3.68
C LEU A 221 1.05 -7.78 4.21
N LEU A 222 2.24 -7.18 4.21
CA LEU A 222 2.46 -5.76 4.45
C LEU A 222 2.91 -5.10 3.14
N GLU A 223 2.24 -4.03 2.74
CA GLU A 223 2.45 -3.41 1.46
C GLU A 223 2.45 -1.89 1.60
N PHE A 224 3.30 -1.26 0.79
CA PHE A 224 3.54 0.17 0.79
C PHE A 224 3.68 0.63 -0.67
N VAL A 225 2.72 1.44 -1.15
CA VAL A 225 2.61 1.83 -2.55
C VAL A 225 2.46 3.34 -2.66
N THR A 226 3.32 3.96 -3.51
CA THR A 226 3.34 5.39 -3.76
C THR A 226 3.21 5.70 -5.25
N ALA A 227 2.34 6.64 -5.61
CA ALA A 227 2.23 7.04 -7.00
C ALA A 227 3.35 8.02 -7.33
N ALA A 228 3.87 8.01 -8.57
CA ALA A 228 4.88 8.96 -9.06
C ALA A 228 4.60 9.35 -10.52
N GLY A 229 4.98 10.58 -10.83
CA GLY A 229 5.11 11.07 -12.19
C GLY A 229 6.29 10.44 -12.93
N ILE A 230 6.14 10.36 -14.26
CA ILE A 230 7.24 10.09 -15.15
C ILE A 230 8.25 11.24 -14.99
N THR A 231 9.57 10.97 -14.90
CA THR A 231 10.60 12.02 -14.78
C THR A 231 11.64 12.05 -15.91
N LEU A 232 12.38 13.17 -16.07
CA LEU A 232 13.43 13.25 -17.10
C LEU A 232 14.68 12.26 -16.87
N GLY A 233 15.06 11.73 -18.10
CA GLY A 233 15.82 10.45 -18.24
C GLY A 233 15.16 9.12 -17.73
N MET A 234 13.85 8.99 -17.49
CA MET A 234 13.20 7.69 -17.71
C MET A 234 13.01 7.58 -19.22
N ASP A 235 12.66 6.40 -19.73
CA ASP A 235 12.57 6.14 -21.17
C ASP A 235 13.16 7.31 -21.97
N GLY B 1 1.32 -2.16 19.18
CA GLY B 1 2.03 -1.74 20.40
C GLY B 1 1.88 -2.78 21.52
N SER B 2 1.53 -2.30 22.72
CA SER B 2 0.88 -3.11 23.75
C SER B 2 -0.61 -2.80 23.68
N ASP B 3 -1.38 -3.02 24.76
CA ASP B 3 -2.76 -2.53 24.91
C ASP B 3 -2.78 -1.01 24.68
N LEU B 4 -2.05 -0.27 25.54
CA LEU B 4 -2.04 1.20 25.48
C LEU B 4 -1.37 1.65 24.18
N GLY B 5 -0.31 0.92 23.79
CA GLY B 5 0.42 1.23 22.55
C GLY B 5 -0.47 1.26 21.32
N LYS B 6 -1.37 0.26 21.23
CA LYS B 6 -2.27 0.16 20.10
C LYS B 6 -3.26 1.33 20.14
N LYS B 7 -3.77 1.64 21.34
CA LYS B 7 -4.67 2.78 21.44
C LYS B 7 -3.95 4.07 21.08
N LEU B 8 -2.65 4.13 21.36
CA LEU B 8 -1.91 5.36 21.11
C LEU B 8 -1.70 5.53 19.60
N LEU B 9 -1.34 4.45 18.92
CA LEU B 9 -1.19 4.47 17.46
C LEU B 9 -2.50 4.90 16.78
N GLU B 10 -3.62 4.33 17.23
CA GLU B 10 -4.92 4.63 16.65
C GLU B 10 -5.31 6.08 16.96
N ALA B 11 -5.06 6.55 18.18
CA ALA B 11 -5.47 7.89 18.53
C ALA B 11 -4.65 8.92 17.75
N ALA B 12 -3.37 8.61 17.55
CA ALA B 12 -2.48 9.52 16.84
C ALA B 12 -2.89 9.61 15.37
N ARG B 13 -3.15 8.46 14.75
CA ARG B 13 -3.54 8.44 13.34
C ARG B 13 -4.89 9.14 13.14
N ALA B 14 -5.78 8.98 14.13
CA ALA B 14 -7.07 9.63 14.03
C ALA B 14 -7.02 11.12 14.47
N GLY B 15 -5.85 11.65 14.87
CA GLY B 15 -5.80 13.08 15.20
C GLY B 15 -6.55 13.46 16.48
N GLN B 16 -6.61 12.56 17.47
CA GLN B 16 -7.33 12.81 18.70
C GLN B 16 -6.35 13.26 19.79
N GLY B 17 -6.11 14.59 19.83
CA GLY B 17 -5.14 15.20 20.74
C GLY B 17 -5.37 14.85 22.19
N ASP B 18 -6.60 15.02 22.66
CA ASP B 18 -6.86 14.79 24.08
C ASP B 18 -6.59 13.33 24.40
N GLU B 19 -7.03 12.41 23.52
CA GLU B 19 -6.87 10.98 23.77
C GLU B 19 -5.37 10.64 23.83
N VAL B 20 -4.56 11.22 22.92
CA VAL B 20 -3.12 11.01 22.93
C VAL B 20 -2.57 11.49 24.26
N ARG B 21 -3.02 12.67 24.72
CA ARG B 21 -2.43 13.24 25.93
C ARG B 21 -2.74 12.37 27.15
N ILE B 22 -3.98 11.89 27.25
CA ILE B 22 -4.37 11.04 28.36
C ILE B 22 -3.59 9.74 28.31
N LEU B 23 -3.45 9.13 27.12
CA LEU B 23 -2.72 7.87 27.01
C LEU B 23 -1.27 8.03 27.46
N MET B 24 -0.63 9.15 27.08
CA MET B 24 0.76 9.39 27.42
C MET B 24 0.90 9.60 28.92
N ALA B 25 -0.06 10.33 29.53
CA ALA B 25 0.00 10.58 30.95
C ALA B 25 -0.24 9.27 31.70
N ASN B 26 -0.92 8.30 31.09
CA ASN B 26 -1.19 7.03 31.76
C ASN B 26 -0.15 5.97 31.39
N GLY B 27 0.92 6.35 30.69
CA GLY B 27 2.11 5.53 30.62
C GLY B 27 2.29 4.77 29.31
N ALA B 28 1.52 5.11 28.27
CA ALA B 28 1.71 4.47 26.98
C ALA B 28 3.13 4.68 26.47
N ASP B 29 3.62 3.67 25.75
CA ASP B 29 4.92 3.67 25.12
C ASP B 29 4.91 4.62 23.92
N VAL B 30 5.68 5.71 24.06
CA VAL B 30 5.72 6.76 23.08
C VAL B 30 6.27 6.21 21.77
N ASN B 31 7.07 5.14 21.80
CA ASN B 31 7.59 4.59 20.56
C ASN B 31 6.93 3.24 20.22
N ALA B 32 5.67 3.03 20.61
CA ALA B 32 4.94 1.86 20.16
C ALA B 32 4.99 1.79 18.63
N GLU B 33 4.90 0.59 18.06
CA GLU B 33 5.00 0.41 16.63
C GLU B 33 3.88 -0.52 16.15
N ASP B 34 3.39 -0.29 14.95
CA ASP B 34 2.50 -1.24 14.31
C ASP B 34 3.38 -2.21 13.53
N LEU B 35 2.74 -3.11 12.77
CA LEU B 35 3.48 -4.15 12.08
C LEU B 35 4.42 -3.60 11.01
N HIS B 36 4.22 -2.37 10.54
CA HIS B 36 5.08 -1.76 9.56
C HIS B 36 6.24 -1.04 10.26
N GLY B 37 6.20 -0.93 11.58
CA GLY B 37 7.21 -0.16 12.29
C GLY B 37 6.86 1.32 12.32
N SER B 38 5.60 1.67 12.00
CA SER B 38 5.10 3.02 12.18
C SER B 38 4.90 3.34 13.67
N THR B 39 5.43 4.51 14.12
CA THR B 39 5.28 5.01 15.45
C THR B 39 4.20 6.07 15.48
N PRO B 40 3.71 6.43 16.69
CA PRO B 40 2.76 7.53 16.85
C PRO B 40 3.25 8.81 16.19
N LEU B 41 4.55 9.12 16.29
CA LEU B 41 5.04 10.34 15.65
C LEU B 41 4.96 10.25 14.13
N HIS B 42 5.26 9.07 13.54
CA HIS B 42 5.09 8.91 12.11
C HIS B 42 3.67 9.35 11.74
N LEU B 43 2.66 8.82 12.46
CA LEU B 43 1.29 8.95 12.08
C LEU B 43 0.85 10.41 12.22
N ALA B 44 1.25 11.06 13.33
CA ALA B 44 0.88 12.45 13.55
C ALA B 44 1.51 13.35 12.49
N ALA B 45 2.78 13.08 12.15
CA ALA B 45 3.46 13.85 11.11
C ALA B 45 2.74 13.67 9.77
N LEU B 46 2.29 12.44 9.49
CA LEU B 46 1.60 12.16 8.24
C LEU B 46 0.38 13.06 8.08
N ILE B 47 -0.46 13.13 9.13
CA ILE B 47 -1.72 13.84 9.06
C ILE B 47 -1.57 15.32 9.44
N GLY B 48 -0.36 15.78 9.79
CA GLY B 48 -0.16 17.21 10.00
C GLY B 48 -0.73 17.71 11.33
N HIS B 49 -0.74 16.84 12.34
CA HIS B 49 -1.31 17.22 13.63
C HIS B 49 -0.20 17.78 14.54
N LEU B 50 -0.07 19.11 14.58
CA LEU B 50 1.02 19.80 15.26
C LEU B 50 1.01 19.46 16.76
N GLU B 51 -0.16 19.57 17.40
CA GLU B 51 -0.33 19.29 18.81
C GLU B 51 0.22 17.89 19.13
N ILE B 52 -0.19 16.86 18.40
CA ILE B 52 0.20 15.52 18.79
C ILE B 52 1.71 15.33 18.54
N VAL B 53 2.23 15.90 17.45
CA VAL B 53 3.66 15.89 17.22
C VAL B 53 4.39 16.48 18.42
N GLU B 54 3.94 17.62 18.94
CA GLU B 54 4.68 18.27 20.02
C GLU B 54 4.53 17.50 21.32
N VAL B 55 3.34 16.95 21.58
CA VAL B 55 3.13 16.17 22.79
C VAL B 55 4.04 14.94 22.80
N LEU B 56 4.10 14.22 21.68
CA LEU B 56 4.92 13.00 21.57
C LEU B 56 6.40 13.29 21.72
N LEU B 57 6.89 14.35 21.06
CA LEU B 57 8.29 14.73 21.24
C LEU B 57 8.59 15.07 22.70
N LYS B 58 7.68 15.76 23.37
CA LYS B 58 7.81 16.14 24.77
C LYS B 58 7.81 14.88 25.65
N TYR B 59 7.18 13.77 25.22
CA TYR B 59 7.26 12.53 25.99
C TYR B 59 8.42 11.65 25.52
N GLY B 60 9.34 12.19 24.69
CA GLY B 60 10.55 11.47 24.28
C GLY B 60 10.42 10.59 23.04
N ALA B 61 9.45 10.81 22.15
CA ALA B 61 9.44 10.13 20.86
C ALA B 61 10.80 10.26 20.13
N ASP B 62 11.23 9.13 19.56
CA ASP B 62 12.33 9.05 18.63
C ASP B 62 12.03 9.85 17.36
N VAL B 63 12.68 11.01 17.23
CA VAL B 63 12.40 11.93 16.14
C VAL B 63 12.80 11.31 14.80
N ASN B 64 13.75 10.38 14.84
CA ASN B 64 14.32 9.77 13.66
C ASN B 64 13.93 8.29 13.54
N ALA B 65 12.83 7.85 14.19
CA ALA B 65 12.33 6.48 13.98
C ALA B 65 12.11 6.22 12.48
N SER B 66 12.49 5.03 12.06
CA SER B 66 12.35 4.60 10.68
C SER B 66 11.33 3.48 10.61
N ASP B 67 10.37 3.53 9.68
CA ASP B 67 9.47 2.39 9.51
C ASP B 67 10.21 1.33 8.69
N MET B 68 9.56 0.21 8.38
CA MET B 68 10.23 -0.87 7.69
C MET B 68 10.47 -0.49 6.23
N TRP B 69 9.83 0.59 5.76
CA TRP B 69 10.08 1.09 4.43
C TRP B 69 11.10 2.24 4.39
N GLY B 70 11.75 2.54 5.51
CA GLY B 70 12.78 3.58 5.53
C GLY B 70 12.21 4.99 5.71
N ASN B 71 10.91 5.13 5.93
CA ASN B 71 10.36 6.47 6.12
C ASN B 71 10.61 6.91 7.56
N THR B 72 11.04 8.18 7.71
CA THR B 72 11.08 8.87 8.98
C THR B 72 9.92 9.84 9.05
N PRO B 73 9.66 10.36 10.27
CA PRO B 73 8.64 11.38 10.42
C PRO B 73 8.89 12.58 9.54
N LEU B 74 10.17 12.97 9.39
CA LEU B 74 10.46 14.08 8.49
C LEU B 74 10.01 13.76 7.05
N HIS B 75 10.26 12.55 6.55
CA HIS B 75 9.75 12.20 5.23
C HIS B 75 8.24 12.44 5.12
N LEU B 76 7.49 11.95 6.12
CA LEU B 76 6.03 11.90 6.02
C LEU B 76 5.47 13.31 6.14
N ALA B 77 6.11 14.15 6.99
CA ALA B 77 5.73 15.54 7.08
C ALA B 77 5.99 16.21 5.73
N ALA B 78 7.12 15.90 5.11
CA ALA B 78 7.39 16.50 3.81
C ALA B 78 6.42 15.99 2.71
N TRP B 79 6.11 14.68 2.72
N TRP B 79 6.08 14.69 2.74
CA TRP B 79 5.16 14.10 1.77
CA TRP B 79 5.19 14.15 1.71
C TRP B 79 3.93 14.99 1.65
C TRP B 79 3.89 14.95 1.66
N SER B 80 3.38 15.41 2.79
CA SER B 80 2.16 16.21 2.79
C SER B 80 2.39 17.73 2.84
N GLY B 81 3.62 18.25 2.74
CA GLY B 81 3.81 19.70 2.73
C GLY B 81 3.50 20.35 4.08
N HIS B 82 3.74 19.65 5.20
CA HIS B 82 3.43 20.20 6.50
C HIS B 82 4.62 21.05 6.97
N LEU B 83 4.62 22.34 6.65
CA LEU B 83 5.76 23.20 6.89
C LEU B 83 6.05 23.30 8.39
N GLU B 84 5.05 23.65 9.19
CA GLU B 84 5.30 23.87 10.61
C GLU B 84 5.79 22.57 11.27
N ILE B 85 5.19 21.43 10.93
CA ILE B 85 5.65 20.17 11.49
C ILE B 85 7.09 19.89 11.08
N VAL B 86 7.48 20.17 9.83
CA VAL B 86 8.87 20.03 9.43
C VAL B 86 9.79 20.91 10.31
N GLU B 87 9.38 22.14 10.56
CA GLU B 87 10.18 23.05 11.37
C GLU B 87 10.39 22.46 12.77
N VAL B 88 9.32 21.94 13.35
CA VAL B 88 9.36 21.40 14.70
C VAL B 88 10.25 20.14 14.72
N LEU B 89 10.09 19.25 13.74
CA LEU B 89 10.89 18.04 13.72
C LEU B 89 12.37 18.41 13.57
N LEU B 90 12.68 19.36 12.67
CA LEU B 90 14.07 19.78 12.45
C LEU B 90 14.67 20.32 13.72
N LYS B 91 13.86 21.11 14.42
CA LYS B 91 14.29 21.73 15.66
C LYS B 91 14.52 20.67 16.74
N ASN B 92 13.82 19.51 16.67
CA ASN B 92 14.04 18.43 17.62
C ASN B 92 15.07 17.41 17.14
N GLY B 93 15.91 17.75 16.15
CA GLY B 93 17.03 16.90 15.76
C GLY B 93 16.72 15.94 14.61
N ALA B 94 15.62 16.17 13.85
CA ALA B 94 15.34 15.32 12.69
C ALA B 94 16.52 15.29 11.74
N ASP B 95 16.76 14.14 11.10
CA ASP B 95 17.92 13.91 10.26
C ASP B 95 17.60 14.24 8.81
N VAL B 96 18.20 15.34 8.28
CA VAL B 96 17.93 15.76 6.91
C VAL B 96 18.52 14.81 5.86
N ASN B 97 19.47 13.96 6.27
CA ASN B 97 20.16 13.05 5.38
C ASN B 97 19.59 11.63 5.42
N ALA B 98 18.58 11.37 6.23
CA ALA B 98 18.01 10.03 6.27
C ALA B 98 17.38 9.72 4.91
N GLN B 99 17.72 8.54 4.37
CA GLN B 99 17.19 8.10 3.09
C GLN B 99 16.19 6.94 3.27
N ASP B 100 15.09 7.02 2.53
CA ASP B 100 14.16 5.91 2.44
C ASP B 100 14.75 4.84 1.52
N LYS B 101 13.95 3.81 1.20
CA LYS B 101 14.45 2.69 0.41
C LYS B 101 14.62 3.06 -1.04
N PHE B 102 13.99 4.14 -1.51
CA PHE B 102 14.34 4.71 -2.80
C PHE B 102 15.57 5.63 -2.76
N GLY B 103 16.26 5.77 -1.63
CA GLY B 103 17.44 6.62 -1.59
C GLY B 103 17.09 8.10 -1.44
N LYS B 104 15.84 8.42 -1.08
CA LYS B 104 15.41 9.82 -1.01
C LYS B 104 15.35 10.36 0.41
N THR B 105 15.86 11.59 0.54
CA THR B 105 15.73 12.38 1.75
C THR B 105 14.40 13.11 1.68
N ALA B 106 14.09 13.82 2.78
CA ALA B 106 12.89 14.63 2.85
C ALA B 106 12.99 15.77 1.85
N PHE B 107 14.23 16.27 1.67
CA PHE B 107 14.48 17.30 0.69
C PHE B 107 14.10 16.78 -0.68
N ASP B 108 14.56 15.60 -1.03
CA ASP B 108 14.26 15.03 -2.34
C ASP B 108 12.75 14.96 -2.54
N ILE B 109 11.98 14.69 -1.46
CA ILE B 109 10.53 14.58 -1.62
C ILE B 109 9.95 15.95 -1.90
N SER B 110 10.48 16.96 -1.21
CA SER B 110 9.99 18.31 -1.38
C SER B 110 10.23 18.70 -2.82
N ILE B 111 11.36 18.22 -3.38
CA ILE B 111 11.72 18.51 -4.75
C ILE B 111 10.76 17.75 -5.70
N ASP B 112 10.46 16.48 -5.41
CA ASP B 112 9.54 15.73 -6.27
C ASP B 112 8.17 16.37 -6.25
N ASN B 113 7.71 16.85 -5.12
CA ASN B 113 6.39 17.46 -5.03
C ASN B 113 6.37 18.91 -5.47
N GLY B 114 7.52 19.41 -5.94
CA GLY B 114 7.63 20.82 -6.32
C GLY B 114 7.25 21.78 -5.19
N ASN B 115 7.70 21.55 -3.96
CA ASN B 115 7.36 22.44 -2.86
C ASN B 115 8.53 23.37 -2.47
N GLU B 116 8.47 24.64 -2.89
CA GLU B 116 9.64 25.52 -2.78
C GLU B 116 9.90 25.87 -1.31
N ASP B 117 8.84 25.92 -0.49
CA ASP B 117 8.99 26.34 0.89
C ASP B 117 9.77 25.28 1.67
N LEU B 118 9.37 24.02 1.50
CA LEU B 118 10.02 22.94 2.20
C LEU B 118 11.44 22.72 1.71
N ALA B 119 11.63 22.76 0.39
CA ALA B 119 12.93 22.58 -0.21
C ALA B 119 13.95 23.52 0.47
N GLU B 120 13.53 24.74 0.72
CA GLU B 120 14.40 25.78 1.24
C GLU B 120 14.92 25.39 2.63
N ILE B 121 14.11 24.72 3.46
CA ILE B 121 14.56 24.49 4.82
C ILE B 121 15.08 23.07 5.01
N LEU B 122 14.99 22.19 4.00
CA LEU B 122 15.29 20.78 4.20
C LEU B 122 16.70 20.44 3.68
N GLN B 123 17.33 21.44 3.07
CA GLN B 123 18.66 21.26 2.49
C GLN B 123 19.61 20.68 3.53
#